data_1T6Y
#
_entry.id   1T6Y
#
_cell.length_a   67.803
_cell.length_b   82.661
_cell.length_c   66.717
_cell.angle_alpha   90.00
_cell.angle_beta   116.42
_cell.angle_gamma   90.00
#
_symmetry.space_group_name_H-M   'P 1 21 1'
#
loop_
_entity.id
_entity.type
_entity.pdbx_description
1 polymer 'riboflavin kinase/FMN adenylyltransferase'
2 non-polymer "ADENOSINE-5'-DIPHOSPHATE"
3 non-polymer 'ADENOSINE MONOPHOSPHATE'
4 non-polymer 'FLAVIN MONONUCLEOTIDE'
5 water water
#
_entity_poly.entity_id   1
_entity_poly.type   'polypeptide(L)'
_entity_poly.pdbx_seq_one_letter_code
;MVVSIGVFDGVHIGHQKVLRTMKEIAFFRKDDSLIYTISYPPEYFLPDFPGLLMTVESRVEMLSRYARTVVLDFFRIKDL
TPEGFVERYLSGVSAVVVGRDFRFGKNASGNASFLRKKGVEVYEIEDVVVQGKRVSSSLIRNLVQEGRVEEIPAYLGRYF
EIEGIVHKDREFGRKLGFPTANIDRGNEKLVDLKRGVYLVRVHLPDGKKKFGVMNVGFRPTVGDARNVKYEVYILDFEGD
LYGQRLKLEVLKFMRDEKKFDSIEELKAAIDQDVKSARNMIDDIINSKFEKEG
;
_entity_poly.pdbx_strand_id   A,B
#
loop_
_chem_comp.id
_chem_comp.type
_chem_comp.name
_chem_comp.formula
ADP non-polymer ADENOSINE-5'-DIPHOSPHATE 'C10 H15 N5 O10 P2'
AMP non-polymer 'ADENOSINE MONOPHOSPHATE' 'C10 H14 N5 O7 P'
FMN non-polymer 'FLAVIN MONONUCLEOTIDE' 'C17 H21 N4 O9 P'
#
# COMPACT_ATOMS: atom_id res chain seq x y z
N VAL A 2 -20.69 29.95 3.33
CA VAL A 2 -19.34 29.52 2.82
C VAL A 2 -18.91 28.19 3.45
N VAL A 3 -18.61 27.22 2.58
CA VAL A 3 -18.25 25.87 3.01
C VAL A 3 -17.10 25.13 2.31
N SER A 4 -16.33 24.36 3.07
CA SER A 4 -15.28 23.55 2.48
C SER A 4 -15.79 22.09 2.49
N ILE A 5 -15.63 21.41 1.36
CA ILE A 5 -16.10 20.04 1.22
C ILE A 5 -14.91 19.07 1.32
N GLY A 6 -15.19 17.77 1.47
CA GLY A 6 -14.13 16.77 1.53
C GLY A 6 -14.20 15.78 2.67
N VAL A 7 -13.27 14.83 2.70
CA VAL A 7 -13.23 13.84 3.76
C VAL A 7 -12.58 14.41 5.01
N PHE A 8 -11.41 15.00 4.86
CA PHE A 8 -10.75 15.61 6.01
C PHE A 8 -10.30 14.62 7.03
N ASP A 9 -10.11 13.35 6.61
CA ASP A 9 -9.70 12.28 7.52
C ASP A 9 -8.36 12.59 8.09
N GLY A 10 -8.29 12.60 9.41
CA GLY A 10 -7.01 12.89 10.03
C GLY A 10 -6.87 14.35 10.33
N VAL A 11 -7.44 15.18 9.44
CA VAL A 11 -7.46 16.65 9.52
C VAL A 11 -6.03 17.14 9.60
N HIS A 12 -5.27 16.84 8.56
CA HIS A 12 -3.89 17.24 8.53
C HIS A 12 -3.65 18.72 8.32
N ILE A 13 -2.38 19.05 8.16
CA ILE A 13 -1.91 20.40 7.98
C ILE A 13 -2.41 21.03 6.68
N GLY A 14 -2.62 20.23 5.65
CA GLY A 14 -3.14 20.79 4.42
C GLY A 14 -4.63 21.03 4.62
N HIS A 15 -5.16 20.33 5.62
CA HIS A 15 -6.57 20.42 5.98
C HIS A 15 -6.82 21.71 6.74
N GLN A 16 -6.02 21.91 7.77
CA GLN A 16 -6.14 23.07 8.62
C GLN A 16 -5.95 24.34 7.79
N LYS A 17 -5.17 24.23 6.73
CA LYS A 17 -4.93 25.37 5.86
C LYS A 17 -6.31 25.73 5.41
N VAL A 18 -6.86 24.89 4.55
CA VAL A 18 -8.20 25.07 4.00
C VAL A 18 -9.25 25.59 5.02
N LEU A 19 -9.31 24.95 6.18
CA LEU A 19 -10.32 25.34 7.15
C LEU A 19 -10.13 26.78 7.50
N ARG A 20 -8.91 27.20 7.84
CA ARG A 20 -8.66 28.61 8.19
C ARG A 20 -9.07 29.60 7.09
N THR A 21 -8.62 29.32 5.87
CA THR A 21 -8.98 30.14 4.74
C THR A 21 -10.51 30.20 4.68
N MET A 22 -11.16 29.23 5.31
CA MET A 22 -12.61 29.17 5.30
C MET A 22 -13.06 30.30 6.21
N LYS A 23 -12.31 30.50 7.28
CA LYS A 23 -12.62 31.55 8.24
C LYS A 23 -12.38 32.93 7.61
N GLU A 24 -11.41 33.02 6.72
CA GLU A 24 -11.12 34.30 6.10
C GLU A 24 -12.33 34.64 5.26
N ILE A 25 -12.48 33.95 4.13
CA ILE A 25 -13.59 34.18 3.23
C ILE A 25 -14.91 34.32 3.99
N ALA A 26 -14.87 33.93 5.27
CA ALA A 26 -16.04 34.06 6.11
C ALA A 26 -16.16 35.55 6.38
N PHE A 27 -15.52 36.03 7.45
CA PHE A 27 -15.57 37.45 7.80
C PHE A 27 -15.77 38.41 6.62
N PHE A 28 -14.82 38.46 5.70
CA PHE A 28 -14.95 39.39 4.60
C PHE A 28 -16.14 39.16 3.69
N ARG A 29 -17.08 38.36 4.17
CA ARG A 29 -18.30 38.07 3.41
C ARG A 29 -19.52 38.21 4.32
N LYS A 30 -19.24 38.30 5.63
CA LYS A 30 -20.26 38.46 6.67
C LYS A 30 -21.06 37.17 6.85
N ASP A 31 -20.64 36.14 6.12
CA ASP A 31 -21.23 34.80 6.08
C ASP A 31 -20.84 33.96 7.29
N ASP A 32 -21.46 32.79 7.40
CA ASP A 32 -21.14 31.86 8.48
C ASP A 32 -20.41 30.66 7.86
N SER A 33 -19.71 29.91 8.70
CA SER A 33 -18.91 28.77 8.26
C SER A 33 -19.48 27.36 8.39
N LEU A 34 -19.38 26.59 7.31
CA LEU A 34 -19.85 25.21 7.32
C LEU A 34 -18.92 24.16 6.68
N ILE A 35 -18.43 23.24 7.50
CA ILE A 35 -17.58 22.16 6.99
C ILE A 35 -18.45 20.97 6.56
N TYR A 36 -18.19 20.46 5.36
CA TYR A 36 -18.91 19.31 4.86
C TYR A 36 -17.93 18.13 4.81
N THR A 37 -17.88 17.32 5.87
CA THR A 37 -16.99 16.14 5.91
C THR A 37 -17.65 14.84 5.36
N ILE A 38 -17.12 14.35 4.23
CA ILE A 38 -17.61 13.12 3.59
C ILE A 38 -17.14 11.94 4.42
N SER A 39 -18.07 11.05 4.80
CA SER A 39 -17.77 9.85 5.61
C SER A 39 -16.55 8.99 5.19
N TYR A 40 -16.48 8.59 3.92
CA TYR A 40 -15.40 7.74 3.41
C TYR A 40 -14.99 8.10 2.01
N PRO A 41 -13.69 7.89 1.69
CA PRO A 41 -13.22 8.20 0.34
C PRO A 41 -13.62 6.99 -0.50
N PRO A 42 -13.73 7.16 -1.81
CA PRO A 42 -14.11 6.00 -2.63
C PRO A 42 -13.25 4.76 -2.32
N GLU A 43 -11.95 4.97 -2.11
CA GLU A 43 -11.00 3.91 -1.81
C GLU A 43 -11.46 2.98 -0.70
N TYR A 44 -11.88 3.57 0.41
CA TYR A 44 -12.35 2.78 1.54
C TYR A 44 -13.04 1.47 1.09
N PHE A 45 -13.71 1.54 -0.05
CA PHE A 45 -14.41 0.37 -0.55
C PHE A 45 -13.57 -0.40 -1.56
N LEU A 46 -12.46 -0.92 -1.07
CA LEU A 46 -11.52 -1.69 -1.84
C LEU A 46 -10.72 -2.40 -0.78
N PRO A 47 -10.14 -3.56 -1.12
CA PRO A 47 -9.35 -4.32 -0.15
C PRO A 47 -8.02 -3.69 0.25
N ASP A 48 -7.23 -3.23 -0.73
CA ASP A 48 -5.93 -2.66 -0.44
C ASP A 48 -5.88 -1.32 0.26
N PHE A 49 -7.02 -0.87 0.76
CA PHE A 49 -7.11 0.42 1.44
C PHE A 49 -6.44 0.37 2.81
N PRO A 50 -5.35 1.14 3.01
CA PRO A 50 -4.65 1.16 4.30
C PRO A 50 -5.59 1.28 5.47
N GLY A 51 -6.30 2.39 5.57
CA GLY A 51 -7.21 2.57 6.69
C GLY A 51 -7.39 4.04 6.94
N LEU A 52 -8.32 4.38 7.82
CA LEU A 52 -8.57 5.78 8.16
C LEU A 52 -7.65 5.99 9.33
N LEU A 53 -7.21 7.22 9.50
CA LEU A 53 -6.32 7.54 10.61
C LEU A 53 -7.08 7.74 11.91
N MET A 54 -8.40 7.83 11.86
CA MET A 54 -9.21 8.03 13.07
C MET A 54 -10.66 7.69 12.73
N THR A 55 -11.51 7.55 13.73
CA THR A 55 -12.93 7.27 13.44
C THR A 55 -13.66 8.56 13.06
N VAL A 56 -14.65 8.44 12.20
CA VAL A 56 -15.47 9.56 11.77
C VAL A 56 -15.97 10.32 12.98
N GLU A 57 -16.47 9.59 13.97
CA GLU A 57 -16.96 10.21 15.20
C GLU A 57 -15.85 11.16 15.72
N SER A 58 -14.63 10.65 15.78
CA SER A 58 -13.45 11.37 16.25
C SER A 58 -13.10 12.57 15.33
N ARG A 59 -13.32 12.37 14.04
CA ARG A 59 -13.01 13.38 13.04
C ARG A 59 -13.96 14.56 13.11
N VAL A 60 -15.16 14.30 13.58
CA VAL A 60 -16.13 15.37 13.66
C VAL A 60 -15.99 16.01 15.02
N GLU A 61 -14.88 15.74 15.68
CA GLU A 61 -14.59 16.30 17.00
C GLU A 61 -13.60 17.42 16.76
N MET A 62 -12.78 17.24 15.75
CA MET A 62 -11.79 18.21 15.40
C MET A 62 -12.48 19.11 14.42
N LEU A 63 -12.96 18.54 13.34
CA LEU A 63 -13.64 19.37 12.37
C LEU A 63 -14.56 20.31 13.14
N SER A 64 -15.17 19.84 14.22
CA SER A 64 -16.06 20.71 14.97
C SER A 64 -15.35 21.86 15.63
N ARG A 65 -14.33 21.58 16.43
CA ARG A 65 -13.57 22.64 17.10
C ARG A 65 -13.13 23.79 16.17
N TYR A 66 -13.48 23.71 14.89
CA TYR A 66 -13.18 24.76 13.90
C TYR A 66 -14.47 25.47 13.51
N ALA A 67 -15.33 24.80 12.73
CA ALA A 67 -16.60 25.36 12.30
C ALA A 67 -17.77 24.51 12.79
N ARG A 68 -18.79 24.41 11.95
CA ARG A 68 -20.01 23.65 12.24
C ARG A 68 -19.90 22.56 11.21
N THR A 69 -19.79 21.31 11.69
CA THR A 69 -19.66 20.18 10.78
C THR A 69 -20.94 19.41 10.53
N VAL A 70 -21.12 19.06 9.27
CA VAL A 70 -22.25 18.28 8.80
C VAL A 70 -21.58 17.06 8.08
N VAL A 71 -21.86 15.84 8.54
CA VAL A 71 -21.26 14.66 7.89
C VAL A 71 -22.08 14.29 6.65
N LEU A 72 -21.43 14.06 5.52
CA LEU A 72 -22.14 13.67 4.30
C LEU A 72 -21.95 12.17 4.10
N ASP A 73 -23.03 11.39 4.08
CA ASP A 73 -22.94 9.95 3.90
C ASP A 73 -22.65 9.49 2.48
N PHE A 74 -21.50 8.83 2.34
CA PHE A 74 -21.04 8.33 1.04
C PHE A 74 -22.06 7.53 0.27
N PHE A 75 -22.88 6.77 0.97
CA PHE A 75 -23.88 5.96 0.31
C PHE A 75 -24.89 6.86 -0.35
N ARG A 76 -25.38 7.82 0.45
CA ARG A 76 -26.38 8.79 0.00
C ARG A 76 -25.97 9.72 -1.14
N ILE A 77 -24.67 9.93 -1.35
CA ILE A 77 -24.22 10.86 -2.41
C ILE A 77 -23.38 10.26 -3.56
N LYS A 78 -23.02 8.99 -3.46
CA LYS A 78 -22.16 8.32 -4.45
C LYS A 78 -22.69 8.29 -5.87
N ASP A 79 -23.98 8.57 -6.06
CA ASP A 79 -24.54 8.53 -7.40
C ASP A 79 -25.08 9.86 -7.90
N LEU A 80 -25.06 10.87 -7.03
CA LEU A 80 -25.53 12.19 -7.40
C LEU A 80 -24.63 12.84 -8.43
N THR A 81 -25.26 13.53 -9.38
CA THR A 81 -24.53 14.21 -10.42
C THR A 81 -24.13 15.58 -9.88
N PRO A 82 -23.22 16.28 -10.57
CA PRO A 82 -22.78 17.60 -10.12
C PRO A 82 -23.99 18.49 -9.82
N GLU A 83 -24.89 18.57 -10.78
CA GLU A 83 -26.11 19.37 -10.65
C GLU A 83 -26.90 18.80 -9.47
N GLY A 84 -27.04 17.47 -9.45
CA GLY A 84 -27.76 16.83 -8.37
C GLY A 84 -27.18 17.20 -7.04
N PHE A 85 -25.85 17.25 -6.96
CA PHE A 85 -25.16 17.59 -5.73
C PHE A 85 -25.44 19.01 -5.28
N VAL A 86 -25.20 19.98 -6.16
CA VAL A 86 -25.44 21.39 -5.85
C VAL A 86 -26.86 21.56 -5.29
N GLU A 87 -27.85 21.09 -6.05
CA GLU A 87 -29.25 21.18 -5.65
C GLU A 87 -29.56 20.62 -4.25
N ARG A 88 -29.12 19.40 -3.98
CA ARG A 88 -29.37 18.76 -2.69
C ARG A 88 -28.47 19.24 -1.56
N TYR A 89 -27.29 19.79 -1.88
CA TYR A 89 -26.38 20.23 -0.80
C TYR A 89 -25.78 21.63 -0.85
N LEU A 90 -25.86 22.31 -1.98
CA LEU A 90 -25.25 23.64 -2.04
C LEU A 90 -26.17 24.86 -2.16
N SER A 91 -27.48 24.62 -2.25
CA SER A 91 -28.46 25.71 -2.35
C SER A 91 -28.26 26.72 -1.25
N GLY A 92 -28.47 27.99 -1.58
CA GLY A 92 -28.30 29.04 -0.60
C GLY A 92 -26.85 29.46 -0.38
N VAL A 93 -25.93 28.50 -0.52
CA VAL A 93 -24.50 28.78 -0.33
C VAL A 93 -23.93 29.36 -1.63
N SER A 94 -23.10 30.38 -1.50
CA SER A 94 -22.51 31.06 -2.65
C SER A 94 -20.99 30.98 -2.78
N ALA A 95 -20.35 30.25 -1.88
CA ALA A 95 -18.91 30.11 -1.94
C ALA A 95 -18.40 28.88 -1.20
N VAL A 96 -17.48 28.15 -1.85
CA VAL A 96 -16.86 26.99 -1.24
C VAL A 96 -15.35 27.16 -1.22
N VAL A 97 -14.73 26.47 -0.27
CA VAL A 97 -13.29 26.50 -0.11
C VAL A 97 -12.81 25.05 -0.34
N VAL A 98 -12.06 24.85 -1.41
CA VAL A 98 -11.53 23.52 -1.75
C VAL A 98 -10.03 23.55 -2.06
N GLY A 99 -9.50 22.45 -2.58
CA GLY A 99 -8.09 22.38 -2.93
C GLY A 99 -7.94 22.19 -4.43
N ARG A 100 -6.70 22.25 -4.93
CA ARG A 100 -6.44 22.10 -6.36
C ARG A 100 -6.94 20.80 -6.96
N ASP A 101 -7.27 19.82 -6.13
CA ASP A 101 -7.73 18.54 -6.61
C ASP A 101 -9.25 18.38 -6.64
N PHE A 102 -9.89 18.69 -5.52
CA PHE A 102 -11.34 18.56 -5.37
C PHE A 102 -12.21 18.32 -6.59
N ARG A 103 -12.86 17.15 -6.62
CA ARG A 103 -13.79 16.75 -7.67
C ARG A 103 -15.02 16.22 -6.92
N PHE A 104 -16.08 15.84 -7.63
CA PHE A 104 -17.28 15.33 -6.96
C PHE A 104 -18.38 14.92 -7.93
N GLY A 105 -19.23 14.02 -7.47
CA GLY A 105 -20.35 13.53 -8.28
C GLY A 105 -20.01 12.27 -9.04
N LYS A 106 -20.94 11.32 -9.11
CA LYS A 106 -20.73 10.06 -9.83
C LYS A 106 -19.80 10.26 -11.02
N ASN A 107 -18.58 9.71 -10.93
CA ASN A 107 -17.57 9.84 -11.99
C ASN A 107 -16.80 11.14 -11.89
N ALA A 108 -16.68 11.66 -10.68
CA ALA A 108 -15.96 12.91 -10.46
C ALA A 108 -16.43 13.91 -11.50
N SER A 109 -17.68 13.74 -11.91
CA SER A 109 -18.30 14.57 -12.91
C SER A 109 -18.15 16.10 -12.77
N GLY A 110 -17.90 16.62 -11.56
CA GLY A 110 -17.84 18.06 -11.45
C GLY A 110 -16.69 18.76 -10.76
N ASN A 111 -15.96 19.54 -11.55
CA ASN A 111 -14.83 20.31 -11.03
C ASN A 111 -15.35 21.61 -10.43
N ALA A 112 -14.44 22.47 -10.02
CA ALA A 112 -14.84 23.74 -9.43
C ALA A 112 -15.49 24.63 -10.48
N SER A 113 -15.00 24.57 -11.72
CA SER A 113 -15.56 25.38 -12.81
C SER A 113 -17.06 25.23 -12.81
N PHE A 114 -17.49 23.97 -12.79
CA PHE A 114 -18.89 23.64 -12.78
C PHE A 114 -19.63 24.46 -11.74
N LEU A 115 -19.25 24.30 -10.47
CA LEU A 115 -19.87 25.04 -9.40
C LEU A 115 -19.90 26.53 -9.73
N ARG A 116 -18.88 27.03 -10.41
CA ARG A 116 -18.83 28.44 -10.77
C ARG A 116 -20.00 28.73 -11.70
N LYS A 117 -20.19 27.86 -12.70
CA LYS A 117 -21.27 27.98 -13.68
C LYS A 117 -22.66 27.62 -13.11
N LYS A 118 -22.75 27.50 -11.79
CA LYS A 118 -24.01 27.20 -11.12
C LYS A 118 -24.22 28.35 -10.12
N GLY A 119 -23.46 29.42 -10.34
CA GLY A 119 -23.57 30.63 -9.53
C GLY A 119 -22.92 30.57 -8.17
N VAL A 120 -21.86 29.77 -8.07
CA VAL A 120 -21.13 29.62 -6.81
C VAL A 120 -19.65 29.91 -6.97
N GLU A 121 -19.09 30.61 -5.98
CA GLU A 121 -17.69 30.98 -5.95
C GLU A 121 -16.86 29.88 -5.32
N VAL A 122 -15.77 29.54 -6.00
CA VAL A 122 -14.85 28.51 -5.53
C VAL A 122 -13.50 29.11 -5.26
N TYR A 123 -13.10 29.11 -4.00
CA TYR A 123 -11.81 29.63 -3.61
C TYR A 123 -10.87 28.45 -3.45
N GLU A 124 -10.02 28.18 -4.45
CA GLU A 124 -9.09 27.05 -4.40
C GLU A 124 -7.77 27.30 -3.67
N ILE A 125 -7.61 26.60 -2.54
CA ILE A 125 -6.40 26.69 -1.73
C ILE A 125 -5.31 25.82 -2.36
N GLU A 126 -4.26 26.46 -2.86
CA GLU A 126 -3.16 25.73 -3.49
C GLU A 126 -2.49 24.83 -2.46
N ASP A 127 -2.07 23.65 -2.94
CA ASP A 127 -1.48 22.61 -2.11
C ASP A 127 -0.36 22.89 -1.13
N VAL A 128 -0.54 22.37 0.08
CA VAL A 128 0.42 22.47 1.16
C VAL A 128 1.41 21.33 1.00
N VAL A 129 2.69 21.56 1.29
CA VAL A 129 3.65 20.49 1.14
C VAL A 129 4.71 20.48 2.19
N VAL A 130 4.79 19.42 2.98
CA VAL A 130 5.85 19.33 3.98
C VAL A 130 6.91 18.48 3.29
N GLN A 131 8.16 18.91 3.38
CA GLN A 131 9.30 18.27 2.71
C GLN A 131 8.99 17.61 1.36
N GLY A 132 8.96 18.43 0.31
CA GLY A 132 8.75 17.96 -1.05
C GLY A 132 7.49 17.23 -1.47
N LYS A 133 6.61 16.90 -0.52
CA LYS A 133 5.38 16.19 -0.85
C LYS A 133 4.10 16.90 -0.40
N ARG A 134 3.04 16.77 -1.19
CA ARG A 134 1.73 17.35 -0.90
C ARG A 134 1.10 16.61 0.26
N VAL A 135 0.98 17.25 1.43
CA VAL A 135 0.36 16.58 2.56
C VAL A 135 -0.94 15.87 2.14
N SER A 136 -1.23 14.74 2.76
CA SER A 136 -2.42 13.99 2.40
C SER A 136 -2.64 12.91 3.41
N SER A 137 -3.87 12.40 3.48
CA SER A 137 -4.19 11.34 4.42
C SER A 137 -3.38 10.11 4.01
N SER A 138 -3.24 9.90 2.69
CA SER A 138 -2.44 8.79 2.14
C SER A 138 -1.04 8.76 2.72
N LEU A 139 -0.28 9.78 2.41
CA LEU A 139 1.06 9.94 2.89
C LEU A 139 1.21 9.66 4.38
N ILE A 140 0.23 10.06 5.19
CA ILE A 140 0.37 9.83 6.62
C ILE A 140 -0.01 8.40 6.93
N ARG A 141 -0.99 7.93 6.16
CA ARG A 141 -1.54 6.58 6.25
C ARG A 141 -0.39 5.55 6.11
N ASN A 142 0.68 5.94 5.42
CA ASN A 142 1.82 5.06 5.25
C ASN A 142 2.82 5.07 6.38
N LEU A 143 3.37 6.23 6.69
CA LEU A 143 4.32 6.33 7.79
C LEU A 143 3.79 5.50 8.99
N VAL A 144 2.47 5.52 9.16
CA VAL A 144 1.83 4.80 10.25
C VAL A 144 2.08 3.32 10.08
N GLN A 145 2.06 2.89 8.82
CA GLN A 145 2.27 1.49 8.47
C GLN A 145 3.74 1.07 8.56
N GLU A 146 4.63 1.98 8.19
CA GLU A 146 6.06 1.78 8.24
C GLU A 146 6.64 2.19 9.61
N GLY A 147 5.81 2.22 10.65
CA GLY A 147 6.27 2.62 11.99
C GLY A 147 6.96 3.98 12.19
N ARG A 148 7.01 4.79 11.13
CA ARG A 148 7.65 6.12 11.10
C ARG A 148 6.91 7.24 11.87
N VAL A 149 6.53 6.92 13.10
CA VAL A 149 5.82 7.82 13.96
C VAL A 149 6.52 9.14 14.22
N GLU A 150 7.82 9.11 14.43
CA GLU A 150 8.52 10.35 14.67
C GLU A 150 8.45 11.28 13.47
N GLU A 151 7.99 10.76 12.32
CA GLU A 151 7.91 11.58 11.10
C GLU A 151 6.53 12.16 10.84
N ILE A 152 5.58 11.85 11.69
CA ILE A 152 4.22 12.30 11.48
C ILE A 152 3.85 13.75 11.82
N PRO A 153 4.33 14.28 12.95
CA PRO A 153 3.97 15.67 13.27
C PRO A 153 4.24 16.68 12.14
N ALA A 154 5.19 16.38 11.29
CA ALA A 154 5.50 17.30 10.22
C ALA A 154 4.35 17.35 9.23
N TYR A 155 3.39 16.46 9.39
CA TYR A 155 2.29 16.42 8.43
C TYR A 155 0.94 16.51 9.12
N LEU A 156 0.83 15.83 10.25
CA LEU A 156 -0.39 15.78 11.00
C LEU A 156 -0.59 16.97 11.94
N GLY A 157 0.48 17.71 12.20
CA GLY A 157 0.40 18.84 13.11
C GLY A 157 0.43 18.31 14.52
N ARG A 158 0.56 16.99 14.65
CA ARG A 158 0.65 16.34 15.96
C ARG A 158 0.94 14.87 15.79
N TYR A 159 1.17 14.19 16.90
CA TYR A 159 1.46 12.76 16.91
C TYR A 159 0.24 11.96 16.50
N PHE A 160 0.50 10.86 15.79
CA PHE A 160 -0.51 9.92 15.34
C PHE A 160 -1.09 9.36 16.64
N GLU A 161 -2.38 9.04 16.65
CA GLU A 161 -3.03 8.51 17.85
C GLU A 161 -3.92 7.27 17.64
N ILE A 162 -3.85 6.38 18.63
CA ILE A 162 -4.62 5.13 18.66
C ILE A 162 -5.53 5.36 19.85
N GLU A 163 -6.83 5.15 19.70
CA GLU A 163 -7.75 5.33 20.83
C GLU A 163 -8.92 4.36 20.77
N GLY A 164 -9.43 3.96 21.95
CA GLY A 164 -10.57 3.04 21.99
C GLY A 164 -11.04 2.65 23.38
N ILE A 165 -11.97 1.69 23.46
CA ILE A 165 -12.49 1.21 24.73
C ILE A 165 -11.56 0.09 25.19
N VAL A 166 -11.56 -0.27 26.48
CA VAL A 166 -10.68 -1.30 27.00
C VAL A 166 -11.22 -2.76 27.01
N HIS A 167 -10.38 -3.70 27.45
CA HIS A 167 -10.68 -5.14 27.56
C HIS A 167 -11.18 -5.87 26.31
N LYS A 168 -12.38 -6.45 26.40
CA LYS A 168 -12.99 -7.12 25.26
C LYS A 168 -12.42 -8.53 25.22
N PHE A 178 0.70 -8.40 32.94
CA PHE A 178 1.92 -7.63 33.04
C PHE A 178 1.69 -6.38 33.87
N PRO A 179 0.52 -5.72 33.73
CA PRO A 179 -0.61 -6.03 32.86
C PRO A 179 -0.55 -5.07 31.70
N THR A 180 -1.39 -5.32 30.72
CA THR A 180 -1.46 -4.50 29.53
C THR A 180 -2.92 -4.21 29.25
N ALA A 181 -3.20 -2.99 28.80
CA ALA A 181 -4.57 -2.65 28.50
C ALA A 181 -4.87 -2.96 27.05
N ASN A 182 -5.98 -3.62 26.79
CA ASN A 182 -6.38 -3.94 25.43
C ASN A 182 -7.35 -2.91 24.91
N ILE A 183 -6.94 -2.21 23.85
CA ILE A 183 -7.74 -1.15 23.25
C ILE A 183 -8.61 -1.59 22.09
N ASP A 184 -9.90 -1.30 22.15
CA ASP A 184 -10.77 -1.65 21.05
C ASP A 184 -11.01 -0.36 20.27
N ARG A 185 -10.24 -0.19 19.20
CA ARG A 185 -10.35 0.96 18.32
C ARG A 185 -11.68 0.99 17.53
N GLY A 186 -12.67 0.26 18.05
CA GLY A 186 -13.97 0.23 17.39
C GLY A 186 -14.05 -0.72 16.20
N ASN A 187 -15.01 -0.46 15.32
CA ASN A 187 -15.24 -1.30 14.14
C ASN A 187 -14.87 -0.67 12.80
N GLU A 188 -14.75 0.66 12.71
CA GLU A 188 -14.41 1.26 11.43
C GLU A 188 -13.14 0.61 10.86
N LYS A 189 -12.96 0.67 9.55
CA LYS A 189 -11.78 0.11 8.88
C LYS A 189 -10.59 1.06 9.11
N LEU A 190 -9.92 0.99 10.26
CA LEU A 190 -8.77 1.86 10.60
C LEU A 190 -7.43 1.21 10.25
N VAL A 191 -6.46 2.03 9.87
CA VAL A 191 -5.12 1.57 9.53
C VAL A 191 -4.44 1.04 10.78
N ASP A 192 -3.38 0.24 10.61
CA ASP A 192 -2.66 -0.34 11.75
C ASP A 192 -1.22 0.02 11.63
N LEU A 193 -0.55 0.11 12.77
CA LEU A 193 0.89 0.44 12.83
C LEU A 193 1.82 -0.80 12.51
N LYS A 194 3.01 -0.55 11.97
CA LYS A 194 3.98 -1.61 11.71
C LYS A 194 3.94 -2.41 12.99
N ARG A 195 4.02 -3.74 12.93
CA ARG A 195 3.95 -4.55 14.14
C ARG A 195 5.13 -4.18 15.01
N GLY A 196 4.89 -4.12 16.32
CA GLY A 196 5.99 -3.79 17.22
C GLY A 196 5.72 -3.13 18.57
N VAL A 197 6.79 -2.70 19.22
CA VAL A 197 6.71 -2.05 20.52
C VAL A 197 6.92 -0.56 20.33
N TYR A 198 6.05 0.22 20.97
CA TYR A 198 6.06 1.67 20.86
C TYR A 198 6.11 2.44 22.17
N LEU A 199 6.79 3.59 22.15
CA LEU A 199 6.79 4.47 23.32
C LEU A 199 5.55 5.34 23.12
N VAL A 200 4.66 5.34 24.10
CA VAL A 200 3.43 6.11 24.01
C VAL A 200 3.12 7.05 25.18
N ARG A 201 2.28 8.04 24.86
CA ARG A 201 1.81 9.03 25.83
C ARG A 201 0.35 8.65 26.01
N VAL A 202 -0.05 8.42 27.25
CA VAL A 202 -1.42 8.03 27.57
C VAL A 202 -2.19 9.15 28.26
N HIS A 203 -3.40 9.43 27.78
CA HIS A 203 -4.24 10.43 28.41
C HIS A 203 -5.32 9.57 29.03
N LEU A 204 -5.43 9.62 30.35
CA LEU A 204 -6.43 8.82 31.05
C LEU A 204 -7.52 9.77 31.54
N PRO A 205 -8.60 9.23 32.12
CA PRO A 205 -9.65 10.13 32.62
C PRO A 205 -9.09 10.97 33.81
N ASP A 206 -9.75 12.07 34.12
CA ASP A 206 -9.30 12.93 35.21
C ASP A 206 -8.07 13.74 34.80
N GLY A 207 -7.92 13.89 33.49
CA GLY A 207 -6.82 14.67 32.93
C GLY A 207 -5.44 14.05 32.97
N LYS A 208 -5.32 12.87 33.60
CA LYS A 208 -4.06 12.13 33.76
C LYS A 208 -3.31 11.83 32.46
N LYS A 209 -2.01 12.06 32.44
CA LYS A 209 -1.16 11.82 31.27
C LYS A 209 0.05 10.99 31.68
N LYS A 210 -0.11 9.68 31.68
CA LYS A 210 0.99 8.76 32.02
C LYS A 210 1.68 8.20 30.76
N PHE A 211 2.97 7.89 30.87
CA PHE A 211 3.75 7.31 29.76
C PHE A 211 3.54 5.79 29.75
N GLY A 212 3.83 5.17 28.63
CA GLY A 212 3.65 3.73 28.55
C GLY A 212 4.29 3.10 27.34
N VAL A 213 4.26 1.77 27.30
CA VAL A 213 4.82 1.04 26.18
C VAL A 213 3.67 0.23 25.59
N MET A 214 3.58 0.25 24.26
CA MET A 214 2.50 -0.41 23.57
C MET A 214 2.98 -1.36 22.49
N ASN A 215 2.56 -2.61 22.57
CA ASN A 215 2.96 -3.57 21.54
C ASN A 215 1.79 -3.84 20.59
N VAL A 216 2.12 -4.15 19.34
CA VAL A 216 1.11 -4.41 18.32
C VAL A 216 1.38 -5.76 17.62
N GLY A 217 0.42 -6.69 17.72
CA GLY A 217 0.61 -7.99 17.10
C GLY A 217 -0.55 -8.56 16.32
N PHE A 218 -0.31 -9.66 15.61
CA PHE A 218 -1.36 -10.30 14.79
C PHE A 218 -2.46 -11.12 15.48
N ARG A 219 -3.47 -11.47 14.67
CA ARG A 219 -4.66 -12.21 15.07
C ARG A 219 -5.18 -11.90 16.46
N ARG A 226 -3.72 -11.51 9.82
CA ARG A 226 -5.13 -11.18 9.85
C ARG A 226 -5.38 -9.90 10.66
N ASN A 227 -5.78 -10.09 11.92
CA ASN A 227 -6.07 -8.97 12.82
C ASN A 227 -4.83 -8.44 13.54
N VAL A 228 -4.97 -7.28 14.17
CA VAL A 228 -3.88 -6.65 14.90
C VAL A 228 -4.39 -6.25 16.28
N LYS A 229 -3.59 -6.50 17.31
CA LYS A 229 -3.97 -6.15 18.68
C LYS A 229 -3.12 -5.03 19.22
N TYR A 230 -3.72 -4.24 20.10
CA TYR A 230 -3.04 -3.11 20.71
C TYR A 230 -3.11 -3.25 22.21
N GLU A 231 -1.94 -3.39 22.81
CA GLU A 231 -1.82 -3.54 24.25
C GLU A 231 -0.73 -2.57 24.73
N VAL A 232 -1.04 -1.85 25.81
CA VAL A 232 -0.12 -0.88 26.39
C VAL A 232 0.15 -1.26 27.84
N TYR A 233 1.38 -1.09 28.28
CA TYR A 233 1.66 -1.32 29.68
C TYR A 233 1.88 0.12 30.13
N ILE A 234 0.95 0.63 30.93
CA ILE A 234 1.06 2.00 31.40
C ILE A 234 1.94 2.00 32.63
N LEU A 235 3.03 2.76 32.53
CA LEU A 235 3.98 2.90 33.61
C LEU A 235 3.31 3.57 34.81
N ASP A 236 3.76 3.19 36.00
CA ASP A 236 3.28 3.78 37.25
C ASP A 236 1.79 3.80 37.49
N PHE A 237 1.04 2.96 36.79
CA PHE A 237 -0.40 2.96 37.01
C PHE A 237 -0.87 1.65 37.61
N GLU A 238 -1.83 1.73 38.54
CA GLU A 238 -2.38 0.54 39.17
C GLU A 238 -3.82 0.71 39.63
N GLY A 239 -4.73 0.75 38.65
CA GLY A 239 -6.14 0.89 38.95
C GLY A 239 -6.90 0.11 37.92
N ASP A 240 -8.20 0.33 37.85
CA ASP A 240 -9.03 -0.40 36.90
C ASP A 240 -9.36 0.46 35.68
N LEU A 241 -9.08 -0.06 34.49
CA LEU A 241 -9.36 0.66 33.26
C LEU A 241 -10.30 -0.15 32.36
N TYR A 242 -10.71 -1.32 32.84
CA TYR A 242 -11.61 -2.22 32.13
C TYR A 242 -12.59 -1.49 31.22
N GLY A 243 -13.54 -0.79 31.83
CA GLY A 243 -14.55 -0.08 31.06
C GLY A 243 -14.10 1.22 30.39
N GLN A 244 -13.20 1.96 31.02
CA GLN A 244 -12.70 3.25 30.50
C GLN A 244 -12.25 3.25 29.03
N ARG A 245 -12.12 4.46 28.47
CA ARG A 245 -11.67 4.70 27.10
C ARG A 245 -10.28 5.35 27.25
N LEU A 246 -9.42 5.28 26.23
CA LEU A 246 -8.09 5.89 26.30
C LEU A 246 -7.64 6.49 24.96
N LYS A 247 -6.72 7.43 25.03
CA LYS A 247 -6.20 8.13 23.86
C LYS A 247 -4.67 8.05 24.00
N LEU A 248 -4.01 7.31 23.11
CA LEU A 248 -2.55 7.11 23.18
C LEU A 248 -1.82 7.78 22.04
N GLU A 249 -0.83 8.60 22.37
CA GLU A 249 -0.04 9.25 21.33
C GLU A 249 1.21 8.43 21.10
N VAL A 250 1.40 8.01 19.85
CA VAL A 250 2.53 7.20 19.46
C VAL A 250 3.71 8.10 19.14
N LEU A 251 4.64 8.18 20.10
CA LEU A 251 5.86 8.97 20.02
C LEU A 251 6.98 8.28 19.25
N LYS A 252 7.40 7.11 19.75
CA LYS A 252 8.47 6.38 19.08
C LYS A 252 8.27 4.91 18.83
N PHE A 253 8.88 4.45 17.73
CA PHE A 253 8.88 3.05 17.34
C PHE A 253 10.17 2.48 17.94
N MET A 254 10.04 1.75 19.04
CA MET A 254 11.19 1.17 19.76
C MET A 254 11.89 0.00 19.06
N ARG A 255 11.21 -1.15 19.01
CA ARG A 255 11.76 -2.36 18.39
C ARG A 255 10.71 -3.20 17.68
N ASP A 256 11.19 -4.09 16.79
CA ASP A 256 10.33 -4.97 16.01
C ASP A 256 9.63 -6.08 16.80
N GLU A 257 8.53 -6.57 16.23
CA GLU A 257 7.73 -7.63 16.83
C GLU A 257 8.53 -8.96 16.82
N LYS A 258 8.87 -9.47 18.00
CA LYS A 258 9.68 -10.70 18.12
C LYS A 258 9.01 -11.99 18.59
N LYS A 259 9.68 -13.11 18.32
CA LYS A 259 9.24 -14.47 18.68
C LYS A 259 7.96 -14.58 19.49
N GLU A 264 10.37 -18.35 25.65
CA GLU A 264 9.63 -17.94 26.86
C GLU A 264 10.43 -16.92 27.69
N GLU A 265 11.31 -16.20 27.02
CA GLU A 265 12.13 -15.20 27.71
C GLU A 265 11.64 -13.79 27.39
N LEU A 266 10.41 -13.71 26.90
CA LEU A 266 9.81 -12.44 26.53
C LEU A 266 9.69 -11.51 27.73
N LYS A 267 9.30 -12.06 28.88
CA LYS A 267 9.17 -11.22 30.07
C LYS A 267 10.51 -10.53 30.30
N ALA A 268 11.56 -11.10 29.70
CA ALA A 268 12.89 -10.54 29.86
C ALA A 268 13.17 -9.48 28.79
N ALA A 269 12.48 -9.61 27.66
CA ALA A 269 12.64 -8.67 26.53
C ALA A 269 11.92 -7.35 26.74
N ILE A 270 10.71 -7.43 27.32
CA ILE A 270 9.93 -6.24 27.59
C ILE A 270 10.72 -5.27 28.45
N ASP A 271 11.53 -5.80 29.35
CA ASP A 271 12.33 -4.97 30.23
C ASP A 271 13.35 -4.16 29.44
N GLN A 272 13.72 -4.67 28.27
CA GLN A 272 14.66 -3.92 27.45
C GLN A 272 13.90 -2.61 27.24
N ASP A 273 12.65 -2.75 26.83
CA ASP A 273 11.77 -1.62 26.55
C ASP A 273 11.47 -0.73 27.75
N VAL A 274 10.95 -1.32 28.80
CA VAL A 274 10.61 -0.56 30.00
C VAL A 274 11.84 0.20 30.50
N LYS A 275 12.91 -0.52 30.76
CA LYS A 275 14.14 0.12 31.23
C LYS A 275 14.57 1.17 30.19
N SER A 276 14.24 0.90 28.92
CA SER A 276 14.57 1.78 27.81
C SER A 276 13.68 3.03 27.85
N ALA A 277 12.37 2.78 27.95
CA ALA A 277 11.38 3.84 28.00
C ALA A 277 11.81 4.81 29.07
N ARG A 278 11.84 4.31 30.31
CA ARG A 278 12.24 5.12 31.45
C ARG A 278 13.39 6.06 31.06
N ASN A 279 14.24 5.58 30.17
CA ASN A 279 15.42 6.33 29.73
C ASN A 279 15.13 7.36 28.67
N MET A 280 14.30 7.01 27.68
CA MET A 280 13.97 7.95 26.63
C MET A 280 13.22 9.08 27.34
N ILE A 281 12.32 8.68 28.25
CA ILE A 281 11.53 9.61 29.04
C ILE A 281 12.48 10.61 29.70
N ASP A 282 13.16 10.16 30.74
CA ASP A 282 14.09 10.98 31.49
C ASP A 282 14.98 11.82 30.56
N ASP A 283 15.09 11.45 29.29
CA ASP A 283 15.89 12.20 28.32
C ASP A 283 15.32 13.60 28.24
N ILE A 284 14.06 13.68 27.82
CA ILE A 284 13.35 14.94 27.70
C ILE A 284 13.34 15.74 29.01
N ILE A 285 12.85 15.13 30.08
CA ILE A 285 12.77 15.79 31.39
C ILE A 285 14.01 16.62 31.73
N ASN A 286 15.19 16.05 31.49
CA ASN A 286 16.46 16.74 31.77
C ASN A 286 16.67 17.90 30.80
N SER A 287 16.48 17.63 29.50
CA SER A 287 16.63 18.66 28.47
C SER A 287 15.53 19.69 28.66
N LYS A 288 15.61 20.40 29.78
CA LYS A 288 14.63 21.41 30.16
C LYS A 288 14.12 22.19 28.95
N VAL B 2 16.30 -23.55 7.53
CA VAL B 2 16.14 -24.38 6.34
C VAL B 2 16.34 -23.48 5.13
N VAL B 3 16.53 -24.08 3.96
CA VAL B 3 16.83 -23.37 2.71
C VAL B 3 15.92 -23.72 1.51
N SER B 4 15.58 -22.74 0.67
CA SER B 4 14.76 -22.99 -0.53
C SER B 4 15.57 -22.44 -1.69
N ILE B 5 15.41 -23.01 -2.89
CA ILE B 5 16.21 -22.61 -4.03
C ILE B 5 15.39 -22.49 -5.32
N GLY B 6 15.95 -21.84 -6.34
CA GLY B 6 15.25 -21.64 -7.60
C GLY B 6 15.20 -20.15 -7.93
N VAL B 7 14.81 -19.82 -9.17
CA VAL B 7 14.66 -18.44 -9.69
C VAL B 7 13.64 -17.57 -8.91
N PHE B 8 12.37 -17.95 -8.98
CA PHE B 8 11.32 -17.23 -8.27
C PHE B 8 10.78 -15.94 -8.95
N ASP B 9 10.88 -15.88 -10.27
CA ASP B 9 10.39 -14.78 -11.05
C ASP B 9 8.87 -14.66 -10.87
N GLY B 10 8.41 -13.54 -10.32
CA GLY B 10 7.00 -13.32 -10.14
C GLY B 10 6.53 -13.63 -8.74
N VAL B 11 7.20 -14.59 -8.09
CA VAL B 11 6.83 -15.04 -6.75
C VAL B 11 5.34 -15.30 -6.69
N HIS B 12 4.89 -16.18 -7.60
CA HIS B 12 3.49 -16.55 -7.67
C HIS B 12 3.09 -17.54 -6.58
N ILE B 13 1.80 -17.85 -6.52
CA ILE B 13 1.28 -18.76 -5.49
C ILE B 13 2.07 -20.06 -5.34
N GLY B 14 2.68 -20.54 -6.44
CA GLY B 14 3.49 -21.74 -6.35
C GLY B 14 4.61 -21.34 -5.39
N HIS B 15 5.47 -20.44 -5.88
CA HIS B 15 6.58 -19.90 -5.11
C HIS B 15 6.23 -19.67 -3.63
N GLN B 16 4.99 -19.25 -3.38
CA GLN B 16 4.58 -18.95 -2.00
C GLN B 16 4.35 -20.14 -1.09
N LYS B 17 3.87 -21.23 -1.68
CA LYS B 17 3.60 -22.47 -0.97
C LYS B 17 4.94 -23.06 -0.56
N VAL B 18 5.94 -22.80 -1.39
CA VAL B 18 7.29 -23.26 -1.16
C VAL B 18 7.89 -22.47 0.00
N LEU B 19 7.79 -21.16 -0.09
CA LEU B 19 8.33 -20.27 0.93
C LEU B 19 7.56 -20.40 2.23
N ARG B 20 6.29 -20.77 2.15
CA ARG B 20 5.53 -20.91 3.38
C ARG B 20 5.85 -22.22 4.06
N THR B 21 6.11 -23.25 3.24
CA THR B 21 6.46 -24.56 3.76
C THR B 21 7.81 -24.41 4.47
N MET B 22 8.71 -23.65 3.84
CA MET B 22 10.01 -23.37 4.41
C MET B 22 9.77 -22.73 5.78
N LYS B 23 9.16 -21.55 5.77
CA LYS B 23 8.87 -20.83 7.00
C LYS B 23 8.35 -21.70 8.14
N GLU B 24 7.78 -22.84 7.79
CA GLU B 24 7.24 -23.77 8.78
C GLU B 24 8.26 -24.85 9.17
N ILE B 25 8.76 -25.60 8.18
CA ILE B 25 9.72 -26.67 8.45
C ILE B 25 10.80 -26.17 9.35
N ALA B 26 10.94 -24.84 9.37
CA ALA B 26 11.94 -24.16 10.17
C ALA B 26 11.50 -23.95 11.60
N PHE B 27 10.26 -23.53 11.82
CA PHE B 27 9.80 -23.34 13.19
C PHE B 27 9.78 -24.69 13.90
N PHE B 28 9.43 -25.73 13.16
CA PHE B 28 9.39 -27.08 13.72
C PHE B 28 10.77 -27.44 14.24
N ARG B 29 11.76 -26.66 13.83
CA ARG B 29 13.13 -26.94 14.21
C ARG B 29 13.90 -25.85 14.96
N LYS B 30 13.33 -24.67 15.15
CA LYS B 30 14.05 -23.59 15.84
C LYS B 30 15.27 -23.26 14.96
N ASP B 31 15.15 -23.64 13.69
CA ASP B 31 16.16 -23.44 12.65
C ASP B 31 15.91 -22.05 12.04
N ASP B 32 16.65 -21.70 10.98
CA ASP B 32 16.49 -20.40 10.32
C ASP B 32 16.39 -20.51 8.80
N SER B 33 15.56 -19.63 8.22
CA SER B 33 15.33 -19.61 6.77
C SER B 33 16.42 -18.92 5.99
N LEU B 34 16.49 -19.20 4.69
CA LEU B 34 17.46 -18.60 3.78
C LEU B 34 17.02 -18.93 2.34
N ILE B 35 16.68 -17.89 1.55
CA ILE B 35 16.26 -18.09 0.18
C ILE B 35 17.39 -17.84 -0.84
N TYR B 36 17.65 -18.82 -1.69
CA TYR B 36 18.68 -18.69 -2.69
C TYR B 36 18.00 -18.47 -4.02
N THR B 37 18.08 -17.25 -4.54
CA THR B 37 17.45 -16.97 -5.81
C THR B 37 18.46 -16.84 -6.96
N ILE B 38 18.30 -17.71 -7.94
CA ILE B 38 19.21 -17.71 -9.07
C ILE B 38 18.79 -16.59 -10.02
N SER B 39 19.59 -15.53 -10.04
CA SER B 39 19.36 -14.38 -10.91
C SER B 39 18.54 -14.70 -12.16
N TYR B 40 18.98 -15.68 -12.93
CA TYR B 40 18.27 -16.02 -14.17
C TYR B 40 18.07 -17.50 -14.45
N PRO B 41 17.32 -17.81 -15.49
CA PRO B 41 17.00 -19.17 -15.94
C PRO B 41 17.58 -19.42 -17.33
N PRO B 42 18.06 -20.64 -17.59
CA PRO B 42 18.63 -20.96 -18.90
C PRO B 42 17.98 -20.28 -20.13
N GLU B 43 16.65 -20.22 -20.16
CA GLU B 43 15.91 -19.64 -21.29
C GLU B 43 16.25 -18.19 -21.56
N TYR B 44 16.45 -17.45 -20.47
CA TYR B 44 16.80 -16.05 -20.49
C TYR B 44 17.86 -15.75 -21.55
N PHE B 45 18.77 -16.69 -21.76
CA PHE B 45 19.83 -16.50 -22.74
C PHE B 45 19.63 -17.29 -24.04
N LEU B 46 18.41 -17.71 -24.31
CA LEU B 46 18.15 -18.47 -25.53
C LEU B 46 17.19 -17.74 -26.47
N PRO B 47 17.15 -18.13 -27.74
CA PRO B 47 16.26 -17.48 -28.70
C PRO B 47 14.78 -17.42 -28.28
N ASP B 48 14.23 -16.21 -28.36
CA ASP B 48 12.83 -15.98 -28.04
C ASP B 48 12.37 -16.05 -26.59
N PHE B 49 13.19 -15.50 -25.69
CA PHE B 49 12.81 -15.47 -24.27
C PHE B 49 11.87 -14.30 -24.04
N PRO B 50 10.65 -14.59 -23.56
CA PRO B 50 9.62 -13.58 -23.27
C PRO B 50 10.05 -12.53 -22.25
N GLY B 51 11.16 -12.76 -21.58
CA GLY B 51 11.64 -11.81 -20.61
C GLY B 51 10.98 -12.13 -19.28
N LEU B 52 11.55 -11.61 -18.21
CA LEU B 52 10.99 -11.83 -16.89
C LEU B 52 9.70 -11.02 -16.62
N LEU B 53 9.13 -11.25 -15.46
CA LEU B 53 7.93 -10.54 -15.11
C LEU B 53 8.32 -9.25 -14.39
N MET B 54 9.34 -9.34 -13.55
CA MET B 54 9.76 -8.19 -12.78
C MET B 54 11.30 -8.13 -12.77
N THR B 55 11.87 -7.00 -12.32
CA THR B 55 13.33 -6.90 -12.27
C THR B 55 13.81 -7.75 -11.11
N VAL B 56 15.08 -8.16 -11.16
CA VAL B 56 15.60 -9.00 -10.11
C VAL B 56 15.50 -8.25 -8.80
N GLU B 57 15.65 -6.91 -8.86
CA GLU B 57 15.60 -6.13 -7.64
C GLU B 57 14.20 -6.21 -7.05
N SER B 58 13.19 -6.11 -7.92
CA SER B 58 11.78 -6.19 -7.49
C SER B 58 11.60 -7.53 -6.80
N ARG B 59 12.01 -8.56 -7.55
CA ARG B 59 11.95 -9.93 -7.08
C ARG B 59 12.59 -10.15 -5.72
N VAL B 60 13.79 -9.62 -5.53
CA VAL B 60 14.42 -9.84 -4.23
C VAL B 60 13.56 -9.14 -3.17
N GLU B 61 13.08 -7.95 -3.52
CA GLU B 61 12.24 -7.11 -2.68
C GLU B 61 11.14 -7.95 -2.02
N MET B 62 10.33 -8.63 -2.83
CA MET B 62 9.24 -9.48 -2.33
C MET B 62 9.74 -10.67 -1.52
N LEU B 63 10.71 -11.42 -2.05
CA LEU B 63 11.27 -12.59 -1.36
C LEU B 63 11.75 -12.18 0.01
N SER B 64 12.23 -10.95 0.10
CA SER B 64 12.73 -10.41 1.36
C SER B 64 11.75 -10.49 2.52
N ARG B 65 10.47 -10.32 2.26
CA ARG B 65 9.51 -10.37 3.35
C ARG B 65 9.40 -11.76 4.01
N TYR B 66 9.73 -12.81 3.27
CA TYR B 66 9.69 -14.17 3.80
C TYR B 66 10.96 -14.53 4.62
N ALA B 67 12.15 -14.22 4.09
CA ALA B 67 13.41 -14.52 4.79
C ALA B 67 14.67 -13.93 4.13
N ARG B 68 15.81 -14.11 4.79
CA ARG B 68 17.10 -13.64 4.30
C ARG B 68 17.28 -14.17 2.89
N THR B 69 17.57 -13.28 1.94
CA THR B 69 17.73 -13.66 0.55
C THR B 69 19.13 -13.41 0.05
N VAL B 70 19.61 -14.26 -0.84
CA VAL B 70 20.95 -14.17 -1.40
C VAL B 70 20.93 -14.50 -2.88
N VAL B 71 21.45 -13.61 -3.69
CA VAL B 71 21.41 -13.87 -5.11
C VAL B 71 22.66 -14.58 -5.59
N LEU B 72 22.44 -15.53 -6.50
CA LEU B 72 23.50 -16.33 -7.07
C LEU B 72 23.57 -16.04 -8.56
N ASP B 73 24.73 -15.59 -9.04
CA ASP B 73 24.88 -15.34 -10.45
C ASP B 73 24.57 -16.67 -11.12
N PHE B 74 23.89 -16.63 -12.26
CA PHE B 74 23.58 -17.84 -12.98
C PHE B 74 24.91 -18.34 -13.52
N PHE B 75 25.53 -17.52 -14.35
CA PHE B 75 26.80 -17.85 -14.96
C PHE B 75 27.82 -18.51 -14.03
N ARG B 76 27.69 -18.34 -12.73
CA ARG B 76 28.61 -18.97 -11.79
C ARG B 76 28.19 -20.42 -11.52
N ILE B 77 27.16 -20.60 -10.69
CA ILE B 77 26.66 -21.94 -10.38
C ILE B 77 26.37 -22.71 -11.67
N LYS B 78 26.26 -22.00 -12.80
CA LYS B 78 25.96 -22.66 -14.05
C LYS B 78 26.90 -23.82 -14.34
N ASP B 79 28.18 -23.61 -14.07
CA ASP B 79 29.15 -24.66 -14.36
C ASP B 79 29.33 -25.69 -13.23
N LEU B 80 29.18 -25.27 -11.98
CA LEU B 80 29.35 -26.14 -10.82
C LEU B 80 28.76 -27.53 -10.97
N THR B 81 29.41 -28.53 -10.41
CA THR B 81 28.88 -29.87 -10.44
C THR B 81 28.01 -29.93 -9.20
N PRO B 82 27.10 -30.90 -9.13
CA PRO B 82 26.23 -31.00 -7.96
C PRO B 82 26.95 -30.93 -6.62
N GLU B 83 28.04 -31.67 -6.49
CA GLU B 83 28.74 -31.67 -5.21
C GLU B 83 29.28 -30.26 -5.00
N GLY B 84 29.85 -29.71 -6.07
CA GLY B 84 30.41 -28.37 -6.03
C GLY B 84 29.42 -27.41 -5.40
N PHE B 85 28.21 -27.35 -5.99
CA PHE B 85 27.14 -26.49 -5.50
C PHE B 85 26.87 -26.76 -4.02
N VAL B 86 26.79 -28.04 -3.68
CA VAL B 86 26.52 -28.40 -2.29
C VAL B 86 27.62 -27.95 -1.36
N GLU B 87 28.84 -28.09 -1.84
CA GLU B 87 30.01 -27.73 -1.07
C GLU B 87 30.11 -26.23 -0.85
N ARG B 88 29.48 -25.46 -1.73
CA ARG B 88 29.54 -24.00 -1.63
C ARG B 88 28.39 -23.30 -0.94
N TYR B 89 27.21 -23.90 -0.99
CA TYR B 89 26.03 -23.26 -0.40
C TYR B 89 25.25 -23.99 0.71
N LEU B 90 25.03 -25.30 0.53
CA LEU B 90 24.23 -26.10 1.47
C LEU B 90 24.91 -26.70 2.68
N SER B 91 26.21 -26.53 2.77
CA SER B 91 26.97 -27.07 3.88
C SER B 91 26.33 -26.85 5.25
N GLY B 92 26.24 -27.93 6.05
CA GLY B 92 25.66 -27.83 7.38
C GLY B 92 24.23 -27.33 7.41
N VAL B 93 23.50 -27.53 6.31
CA VAL B 93 22.13 -27.07 6.22
C VAL B 93 21.17 -28.26 6.12
N SER B 94 20.49 -28.55 7.23
CA SER B 94 19.55 -29.68 7.35
C SER B 94 18.48 -29.87 6.28
N ALA B 95 17.53 -28.94 6.19
CA ALA B 95 16.45 -29.06 5.22
C ALA B 95 16.52 -28.14 4.01
N VAL B 96 15.93 -28.60 2.91
CA VAL B 96 15.91 -27.87 1.66
C VAL B 96 14.57 -28.05 0.95
N VAL B 97 13.71 -27.03 1.08
CA VAL B 97 12.39 -27.00 0.47
C VAL B 97 12.41 -26.60 -1.01
N VAL B 98 11.79 -27.40 -1.85
CA VAL B 98 11.65 -27.11 -3.26
C VAL B 98 10.40 -27.86 -3.73
N GLY B 99 10.30 -28.15 -5.01
CA GLY B 99 9.13 -28.88 -5.49
C GLY B 99 9.60 -29.87 -6.53
N ARG B 100 8.70 -30.67 -7.09
CA ARG B 100 9.13 -31.63 -8.09
C ARG B 100 9.80 -30.83 -9.19
N ASP B 101 10.65 -31.51 -9.96
CA ASP B 101 11.38 -30.91 -11.07
C ASP B 101 12.46 -29.90 -10.67
N PHE B 102 12.89 -29.92 -9.41
CA PHE B 102 13.98 -29.04 -9.02
C PHE B 102 15.28 -29.74 -9.35
N ARG B 103 16.11 -29.05 -10.13
CA ARG B 103 17.40 -29.57 -10.54
C ARG B 103 18.48 -28.50 -10.39
N PHE B 104 19.74 -28.95 -10.29
CA PHE B 104 20.90 -28.06 -10.18
C PHE B 104 22.20 -28.69 -10.69
N GLY B 105 23.18 -27.84 -10.98
CA GLY B 105 24.45 -28.33 -11.48
C GLY B 105 24.53 -28.60 -12.96
N LYS B 106 25.76 -28.62 -13.48
CA LYS B 106 26.05 -28.85 -14.89
C LYS B 106 25.25 -30.00 -15.49
N ASN B 107 24.44 -29.67 -16.48
CA ASN B 107 23.58 -30.64 -17.17
C ASN B 107 22.48 -31.20 -16.28
N ALA B 108 22.09 -30.40 -15.29
CA ALA B 108 21.02 -30.76 -14.39
C ALA B 108 21.19 -32.08 -13.66
N SER B 109 22.41 -32.59 -13.60
CA SER B 109 22.62 -33.86 -12.89
C SER B 109 22.15 -33.73 -11.45
N GLY B 110 22.14 -32.51 -10.94
CA GLY B 110 21.71 -32.29 -9.57
C GLY B 110 20.20 -32.37 -9.44
N ASN B 111 19.73 -33.12 -8.45
CA ASN B 111 18.30 -33.26 -8.19
C ASN B 111 18.06 -33.51 -6.73
N ALA B 112 16.83 -33.85 -6.37
CA ALA B 112 16.51 -34.06 -4.96
C ALA B 112 17.17 -35.29 -4.36
N SER B 113 17.35 -36.34 -5.16
CA SER B 113 17.98 -37.58 -4.67
C SER B 113 19.39 -37.32 -4.20
N PHE B 114 20.09 -36.53 -4.99
CA PHE B 114 21.47 -36.17 -4.72
C PHE B 114 21.59 -35.45 -3.38
N LEU B 115 20.74 -34.47 -3.16
CA LEU B 115 20.87 -33.75 -1.93
C LEU B 115 20.70 -34.69 -0.75
N ARG B 116 19.79 -35.65 -0.93
CA ARG B 116 19.47 -36.65 0.10
C ARG B 116 20.62 -37.64 0.37
N LYS B 117 21.23 -38.13 -0.70
CA LYS B 117 22.37 -39.06 -0.59
C LYS B 117 23.55 -38.36 0.06
N LYS B 118 23.55 -37.01 0.02
CA LYS B 118 24.62 -36.20 0.60
C LYS B 118 24.24 -35.61 1.97
N GLY B 119 23.28 -36.27 2.64
CA GLY B 119 22.86 -35.87 3.97
C GLY B 119 21.88 -34.72 4.15
N VAL B 120 21.42 -34.13 3.05
CA VAL B 120 20.49 -33.02 3.14
C VAL B 120 19.05 -33.47 2.87
N GLU B 121 18.14 -33.06 3.76
CA GLU B 121 16.72 -33.39 3.63
C GLU B 121 15.98 -32.46 2.67
N VAL B 122 15.60 -33.02 1.53
CA VAL B 122 14.88 -32.32 0.49
C VAL B 122 13.39 -32.58 0.66
N TYR B 123 12.64 -31.50 0.91
CA TYR B 123 11.19 -31.59 1.09
C TYR B 123 10.37 -31.06 -0.09
N GLU B 124 10.14 -31.91 -1.09
CA GLU B 124 9.36 -31.53 -2.24
C GLU B 124 7.94 -31.10 -1.88
N ILE B 125 7.39 -30.22 -2.72
CA ILE B 125 6.08 -29.65 -2.53
C ILE B 125 5.30 -29.98 -3.78
N GLU B 126 4.07 -30.47 -3.62
CA GLU B 126 3.29 -30.81 -4.79
C GLU B 126 3.01 -29.61 -5.65
N ASP B 127 3.13 -29.77 -6.97
CA ASP B 127 2.89 -28.65 -7.85
C ASP B 127 1.47 -28.13 -7.65
N VAL B 128 1.39 -26.81 -7.44
CA VAL B 128 0.13 -26.09 -7.24
C VAL B 128 -0.57 -25.86 -8.57
N VAL B 129 -1.77 -26.41 -8.68
CA VAL B 129 -2.55 -26.32 -9.90
C VAL B 129 -3.67 -25.28 -9.79
N VAL B 130 -3.94 -24.59 -10.89
CA VAL B 130 -5.02 -23.60 -10.92
C VAL B 130 -5.68 -23.79 -12.24
N GLN B 131 -6.91 -24.31 -12.21
CA GLN B 131 -7.65 -24.55 -13.43
C GLN B 131 -6.86 -25.52 -14.31
N GLY B 132 -6.49 -26.66 -13.71
CA GLY B 132 -5.73 -27.70 -14.40
C GLY B 132 -4.41 -27.31 -15.03
N LYS B 133 -3.63 -26.51 -14.32
CA LYS B 133 -2.34 -26.03 -14.82
C LYS B 133 -1.32 -25.92 -13.70
N ARG B 134 -0.07 -26.29 -13.97
CA ARG B 134 0.97 -26.17 -12.96
C ARG B 134 1.37 -24.69 -13.01
N VAL B 135 1.12 -23.96 -11.93
CA VAL B 135 1.47 -22.55 -11.89
C VAL B 135 2.94 -22.36 -12.30
N SER B 136 3.20 -21.49 -13.29
CA SER B 136 4.57 -21.29 -13.72
C SER B 136 4.89 -19.89 -14.28
N SER B 137 6.03 -19.33 -13.86
CA SER B 137 6.50 -18.05 -14.33
C SER B 137 6.31 -17.97 -15.82
N SER B 138 6.52 -19.10 -16.48
CA SER B 138 6.40 -19.20 -17.92
C SER B 138 4.98 -18.98 -18.42
N LEU B 139 4.02 -19.51 -17.66
CA LEU B 139 2.60 -19.43 -17.99
C LEU B 139 2.18 -17.97 -18.00
N ILE B 140 2.21 -17.39 -16.80
CA ILE B 140 1.91 -16.00 -16.53
C ILE B 140 2.45 -15.07 -17.60
N ARG B 141 3.69 -15.31 -18.02
CA ARG B 141 4.28 -14.50 -19.07
C ARG B 141 3.43 -14.55 -20.31
N ASN B 142 2.95 -15.74 -20.66
CA ASN B 142 2.14 -15.86 -21.86
C ASN B 142 0.85 -15.05 -21.71
N LEU B 143 0.29 -15.08 -20.52
CA LEU B 143 -0.90 -14.33 -20.25
C LEU B 143 -0.58 -12.86 -20.52
N VAL B 144 0.38 -12.28 -19.80
CA VAL B 144 0.74 -10.89 -20.01
C VAL B 144 0.82 -10.56 -21.50
N GLN B 145 1.43 -11.48 -22.24
CA GLN B 145 1.62 -11.33 -23.67
C GLN B 145 0.34 -11.38 -24.51
N GLU B 146 -0.73 -11.89 -23.94
CA GLU B 146 -1.99 -11.97 -24.65
C GLU B 146 -2.91 -10.90 -24.13
N GLY B 147 -2.46 -10.19 -23.12
CA GLY B 147 -3.27 -9.15 -22.54
C GLY B 147 -4.38 -9.73 -21.69
N ARG B 148 -4.24 -10.98 -21.26
CA ARG B 148 -5.27 -11.58 -20.44
C ARG B 148 -5.00 -11.34 -18.97
N VAL B 149 -4.73 -10.07 -18.68
CA VAL B 149 -4.40 -9.58 -17.34
C VAL B 149 -5.46 -9.86 -16.30
N GLU B 150 -6.67 -10.16 -16.75
CA GLU B 150 -7.73 -10.42 -15.79
C GLU B 150 -7.60 -11.79 -15.16
N GLU B 151 -7.00 -12.72 -15.91
CA GLU B 151 -6.80 -14.10 -15.44
C GLU B 151 -5.55 -14.25 -14.60
N ILE B 152 -4.69 -13.23 -14.63
CA ILE B 152 -3.45 -13.22 -13.90
C ILE B 152 -3.55 -13.37 -12.38
N PRO B 153 -4.18 -12.45 -11.66
CA PRO B 153 -4.27 -12.62 -10.19
C PRO B 153 -4.47 -14.07 -9.71
N ALA B 154 -5.24 -14.86 -10.46
CA ALA B 154 -5.53 -16.26 -10.12
C ALA B 154 -4.26 -17.11 -9.93
N TYR B 155 -3.29 -16.95 -10.83
CA TYR B 155 -2.01 -17.67 -10.74
C TYR B 155 -1.01 -16.85 -9.91
N LEU B 156 -0.70 -15.64 -10.38
CA LEU B 156 0.24 -14.73 -9.73
C LEU B 156 -0.07 -14.33 -8.29
N GLY B 157 -1.30 -14.50 -7.84
CA GLY B 157 -1.60 -14.13 -6.46
C GLY B 157 -1.78 -12.64 -6.22
N ARG B 158 -1.80 -11.87 -7.31
CA ARG B 158 -1.98 -10.43 -7.25
C ARG B 158 -2.04 -9.93 -8.67
N TYR B 159 -2.19 -8.62 -8.87
CA TYR B 159 -2.29 -8.09 -10.23
C TYR B 159 -0.97 -7.93 -10.97
N PHE B 160 -0.95 -8.21 -12.27
CA PHE B 160 0.30 -8.05 -12.99
C PHE B 160 0.74 -6.63 -12.69
N GLU B 161 2.03 -6.33 -12.77
CA GLU B 161 2.50 -4.99 -12.45
C GLU B 161 3.68 -4.50 -13.31
N ILE B 162 3.52 -3.31 -13.88
CA ILE B 162 4.54 -2.64 -14.69
C ILE B 162 5.14 -1.64 -13.71
N GLU B 163 6.42 -1.32 -13.88
CA GLU B 163 7.08 -0.38 -12.99
C GLU B 163 8.25 0.27 -13.72
N GLY B 164 8.84 1.30 -13.12
CA GLY B 164 9.96 1.99 -13.73
C GLY B 164 10.06 3.44 -13.33
N ILE B 165 10.86 4.18 -14.08
CA ILE B 165 11.07 5.61 -13.83
C ILE B 165 10.46 6.44 -14.95
N VAL B 166 9.73 7.50 -14.58
CA VAL B 166 9.08 8.37 -15.54
C VAL B 166 10.20 9.12 -16.26
N HIS B 167 10.23 9.03 -17.59
CA HIS B 167 11.28 9.70 -18.38
C HIS B 167 10.71 10.43 -19.59
N PHE B 178 -4.72 14.08 -22.88
CA PHE B 178 -3.94 14.92 -21.98
C PHE B 178 -2.63 14.23 -21.57
N PRO B 179 -1.64 14.99 -21.07
CA PRO B 179 -0.35 14.46 -20.65
C PRO B 179 -0.29 12.99 -20.26
N THR B 180 0.78 12.31 -20.67
CA THR B 180 0.97 10.88 -20.39
C THR B 180 2.37 10.62 -19.84
N ALA B 181 2.45 9.99 -18.67
CA ALA B 181 3.75 9.67 -18.07
C ALA B 181 4.44 8.53 -18.83
N ASN B 182 5.71 8.72 -19.19
CA ASN B 182 6.48 7.72 -19.90
C ASN B 182 7.31 6.87 -18.96
N ILE B 183 6.91 5.61 -18.78
CA ILE B 183 7.62 4.73 -17.86
C ILE B 183 8.85 4.03 -18.44
N ASP B 184 9.99 4.23 -17.79
CA ASP B 184 11.24 3.59 -18.19
C ASP B 184 11.28 2.37 -17.30
N ARG B 185 10.90 1.23 -17.87
CA ARG B 185 10.87 -0.01 -17.11
C ARG B 185 12.26 -0.43 -16.65
N GLY B 186 13.27 -0.04 -17.44
CA GLY B 186 14.64 -0.36 -17.11
C GLY B 186 15.37 -0.98 -18.28
N ASN B 187 16.55 -1.54 -18.03
CA ASN B 187 17.35 -2.17 -19.08
C ASN B 187 17.37 -3.69 -19.00
N GLU B 188 16.65 -4.23 -18.03
CA GLU B 188 16.57 -5.67 -17.84
C GLU B 188 15.77 -6.21 -19.03
N LYS B 189 15.56 -7.53 -19.09
CA LYS B 189 14.76 -8.11 -20.17
C LYS B 189 13.45 -8.54 -19.51
N LEU B 190 12.43 -7.69 -19.61
CA LEU B 190 11.13 -7.96 -19.00
C LEU B 190 10.09 -8.28 -20.04
N VAL B 191 9.05 -9.01 -19.63
CA VAL B 191 8.00 -9.35 -20.57
C VAL B 191 7.12 -8.14 -20.92
N ASP B 192 6.77 -7.99 -22.20
CA ASP B 192 5.91 -6.89 -22.71
C ASP B 192 4.42 -7.29 -22.84
N LEU B 193 3.53 -6.34 -22.53
CA LEU B 193 2.08 -6.58 -22.65
C LEU B 193 1.60 -6.52 -24.09
N LYS B 194 0.40 -7.06 -24.34
CA LYS B 194 -0.16 -6.97 -25.68
C LYS B 194 -0.30 -5.47 -25.98
N ARG B 195 0.16 -5.00 -27.14
CA ARG B 195 0.04 -3.58 -27.42
C ARG B 195 -1.44 -3.26 -27.38
N GLY B 196 -1.78 -2.16 -26.70
CA GLY B 196 -3.17 -1.75 -26.58
C GLY B 196 -3.37 -0.85 -25.38
N VAL B 197 -4.63 -0.66 -24.98
CA VAL B 197 -4.96 0.22 -23.85
C VAL B 197 -5.52 -0.54 -22.67
N TYR B 198 -5.01 -0.22 -21.48
CA TYR B 198 -5.38 -0.89 -20.24
C TYR B 198 -5.85 0.06 -19.12
N LEU B 199 -6.72 -0.45 -18.26
CA LEU B 199 -7.14 0.33 -17.13
C LEU B 199 -6.06 -0.10 -16.15
N VAL B 200 -5.53 0.83 -15.38
CA VAL B 200 -4.48 0.51 -14.43
C VAL B 200 -4.79 1.25 -13.16
N ARG B 201 -4.07 0.89 -12.09
CA ARG B 201 -4.21 1.52 -10.78
C ARG B 201 -2.80 1.98 -10.44
N VAL B 202 -2.61 3.29 -10.34
CA VAL B 202 -1.31 3.89 -10.07
C VAL B 202 -0.92 4.01 -8.59
N HIS B 203 0.37 3.84 -8.30
CA HIS B 203 0.92 3.94 -6.95
C HIS B 203 1.92 5.09 -7.05
N LEU B 204 1.45 6.30 -6.71
CA LEU B 204 2.25 7.52 -6.77
C LEU B 204 3.32 7.57 -5.68
N PRO B 205 4.46 8.24 -5.99
CA PRO B 205 5.62 8.41 -5.11
C PRO B 205 5.19 8.85 -3.71
N ASP B 206 4.41 9.92 -3.66
CA ASP B 206 3.92 10.41 -2.39
C ASP B 206 3.31 9.24 -1.62
N GLY B 207 2.24 8.67 -2.18
CA GLY B 207 1.57 7.55 -1.55
C GLY B 207 0.14 7.39 -2.01
N LYS B 208 -0.36 8.34 -2.80
CA LYS B 208 -1.73 8.28 -3.28
C LYS B 208 -1.87 7.23 -4.38
N LYS B 209 -3.06 6.64 -4.48
CA LYS B 209 -3.35 5.63 -5.50
C LYS B 209 -4.50 6.09 -6.41
N LYS B 210 -4.14 6.58 -7.58
CA LYS B 210 -5.15 7.06 -8.54
C LYS B 210 -5.34 6.09 -9.69
N PHE B 211 -6.56 5.96 -10.19
CA PHE B 211 -6.77 5.10 -11.34
C PHE B 211 -6.08 5.83 -12.49
N GLY B 212 -5.97 5.20 -13.65
CA GLY B 212 -5.28 5.81 -14.77
C GLY B 212 -5.48 4.90 -15.96
N VAL B 213 -5.06 5.34 -17.14
CA VAL B 213 -5.21 4.51 -18.33
C VAL B 213 -3.88 4.46 -19.06
N MET B 214 -3.43 3.24 -19.35
CA MET B 214 -2.15 3.03 -20.01
C MET B 214 -2.24 2.46 -21.41
N ASN B 215 -1.28 2.83 -22.24
CA ASN B 215 -1.28 2.35 -23.61
C ASN B 215 0.11 1.88 -23.96
N VAL B 216 0.12 0.69 -24.57
CA VAL B 216 1.33 0.04 -25.02
C VAL B 216 1.24 0.02 -26.53
N GLY B 217 2.31 0.40 -27.20
CA GLY B 217 2.32 0.38 -28.66
C GLY B 217 3.72 0.23 -29.24
N PHE B 218 3.82 -0.30 -30.47
CA PHE B 218 5.09 -0.54 -31.18
C PHE B 218 5.36 -2.04 -31.40
N ASN B 227 11.93 -0.46 -29.20
CA ASN B 227 11.19 -1.37 -28.35
C ASN B 227 9.75 -0.92 -28.07
N VAL B 228 9.15 -1.43 -27.01
CA VAL B 228 7.78 -1.10 -26.64
C VAL B 228 7.71 0.14 -25.73
N LYS B 229 6.70 0.97 -25.95
CA LYS B 229 6.53 2.19 -25.18
C LYS B 229 5.32 2.10 -24.24
N TYR B 230 5.51 2.53 -22.99
CA TYR B 230 4.46 2.54 -21.96
C TYR B 230 4.23 3.97 -21.41
N GLU B 231 3.01 4.48 -21.56
CA GLU B 231 2.65 5.83 -21.10
C GLU B 231 1.28 5.83 -20.46
N VAL B 232 1.17 6.31 -19.22
CA VAL B 232 -0.13 6.35 -18.57
C VAL B 232 -0.60 7.77 -18.27
N TYR B 233 -1.91 7.95 -18.42
CA TYR B 233 -2.56 9.20 -18.16
C TYR B 233 -3.38 8.98 -16.91
N ILE B 234 -2.84 9.40 -15.78
CA ILE B 234 -3.50 9.23 -14.51
C ILE B 234 -4.78 10.08 -14.38
N LEU B 235 -5.86 9.49 -13.91
CA LEU B 235 -7.10 10.25 -13.71
C LEU B 235 -6.98 11.24 -12.54
N ASP B 236 -7.67 12.37 -12.67
CA ASP B 236 -7.72 13.42 -11.64
C ASP B 236 -6.38 13.61 -10.96
N PHE B 237 -5.43 14.19 -11.67
CA PHE B 237 -4.11 14.37 -11.08
C PHE B 237 -3.34 15.39 -11.88
N GLU B 238 -2.46 16.10 -11.20
CA GLU B 238 -1.59 17.06 -11.88
C GLU B 238 -0.38 17.22 -10.98
N GLY B 239 0.80 17.17 -11.60
CA GLY B 239 2.05 17.28 -10.88
C GLY B 239 3.18 16.62 -11.62
N ASP B 240 4.40 17.13 -11.45
CA ASP B 240 5.57 16.57 -12.10
C ASP B 240 6.03 15.31 -11.40
N LEU B 241 6.33 14.29 -12.20
CA LEU B 241 6.77 13.00 -11.71
C LEU B 241 8.08 12.59 -12.38
N TYR B 242 8.52 13.41 -13.33
CA TYR B 242 9.75 13.15 -14.06
C TYR B 242 10.90 12.87 -13.08
N GLY B 243 11.26 11.59 -12.95
CA GLY B 243 12.33 11.23 -12.06
C GLY B 243 11.91 10.33 -10.92
N GLN B 244 10.61 10.22 -10.68
CA GLN B 244 10.09 9.38 -9.62
C GLN B 244 9.60 8.06 -10.20
N ARG B 245 9.60 7.02 -9.38
CA ARG B 245 9.16 5.68 -9.81
C ARG B 245 7.64 5.50 -9.67
N LEU B 246 7.08 4.60 -10.47
CA LEU B 246 5.64 4.28 -10.42
C LEU B 246 5.38 2.76 -10.60
N LYS B 247 4.52 2.20 -9.75
CA LYS B 247 4.13 0.79 -9.81
C LYS B 247 2.71 0.80 -10.36
N LEU B 248 2.45 0.15 -11.48
CA LEU B 248 1.09 0.18 -12.04
C LEU B 248 0.38 -1.17 -12.18
N GLU B 249 -0.57 -1.43 -11.28
CA GLU B 249 -1.37 -2.65 -11.33
C GLU B 249 -2.17 -2.63 -12.63
N VAL B 250 -1.95 -3.60 -13.50
CA VAL B 250 -2.69 -3.66 -14.76
C VAL B 250 -3.97 -4.46 -14.56
N LEU B 251 -5.08 -3.74 -14.46
CA LEU B 251 -6.38 -4.32 -14.15
C LEU B 251 -7.29 -4.85 -15.26
N LYS B 252 -7.37 -4.17 -16.39
CA LYS B 252 -8.24 -4.66 -17.47
C LYS B 252 -7.74 -4.27 -18.81
N PHE B 253 -8.00 -5.11 -19.80
CA PHE B 253 -7.59 -4.83 -21.17
C PHE B 253 -8.81 -4.13 -21.78
N MET B 254 -8.61 -3.00 -22.46
CA MET B 254 -9.75 -2.30 -23.06
C MET B 254 -9.80 -2.34 -24.59
N ARG B 255 -8.70 -2.09 -25.29
CA ARG B 255 -8.74 -2.12 -26.76
C ARG B 255 -7.39 -2.34 -27.44
N ASP B 256 -7.44 -2.67 -28.74
CA ASP B 256 -6.21 -2.91 -29.49
C ASP B 256 -5.58 -1.64 -29.99
N GLU B 257 -4.33 -1.37 -29.59
CA GLU B 257 -3.64 -0.15 -30.03
C GLU B 257 -3.63 -0.12 -31.57
N LYS B 258 -4.56 0.66 -32.12
CA LYS B 258 -4.80 0.83 -33.56
C LYS B 258 -4.17 2.10 -34.16
N LYS B 259 -4.18 2.19 -35.49
CA LYS B 259 -3.64 3.37 -36.18
C LYS B 259 -4.75 4.39 -36.42
N PHE B 260 -4.40 5.66 -36.21
CA PHE B 260 -5.33 6.76 -36.40
C PHE B 260 -4.68 7.72 -37.40
N ASP B 261 -5.18 7.72 -38.63
CA ASP B 261 -4.66 8.57 -39.68
C ASP B 261 -4.93 10.07 -39.48
N SER B 262 -5.61 10.42 -38.40
CA SER B 262 -5.91 11.82 -38.08
C SER B 262 -5.82 12.10 -36.58
N ILE B 263 -4.88 12.96 -36.21
CA ILE B 263 -4.69 13.33 -34.82
C ILE B 263 -5.98 13.32 -34.00
N GLU B 264 -6.99 14.01 -34.49
CA GLU B 264 -8.27 14.11 -33.79
C GLU B 264 -8.90 12.75 -33.48
N GLU B 265 -8.89 11.85 -34.46
CA GLU B 265 -9.45 10.51 -34.28
C GLU B 265 -8.84 9.87 -33.04
N LEU B 266 -7.60 10.27 -32.76
CA LEU B 266 -6.91 9.80 -31.59
C LEU B 266 -7.54 10.51 -30.40
N LYS B 267 -7.51 11.84 -30.41
CA LYS B 267 -8.09 12.63 -29.30
C LYS B 267 -9.47 12.11 -28.97
N ALA B 268 -10.23 11.76 -30.00
CA ALA B 268 -11.55 11.21 -29.80
C ALA B 268 -11.39 9.89 -29.02
N ALA B 269 -10.72 8.93 -29.64
CA ALA B 269 -10.46 7.61 -29.04
C ALA B 269 -9.96 7.68 -27.60
N ILE B 270 -8.87 8.42 -27.40
CA ILE B 270 -8.29 8.58 -26.07
C ILE B 270 -9.34 8.99 -25.06
N ASP B 271 -10.27 9.84 -25.50
CA ASP B 271 -11.33 10.34 -24.65
C ASP B 271 -12.42 9.29 -24.51
N GLN B 272 -12.61 8.50 -25.56
CA GLN B 272 -13.58 7.42 -25.53
C GLN B 272 -13.01 6.37 -24.57
N ASP B 273 -11.68 6.33 -24.45
CA ASP B 273 -11.00 5.38 -23.57
C ASP B 273 -11.18 5.82 -22.11
N VAL B 274 -10.92 7.11 -21.87
CA VAL B 274 -11.03 7.66 -20.51
C VAL B 274 -12.48 7.59 -20.01
N LYS B 275 -13.42 7.54 -20.95
CA LYS B 275 -14.83 7.45 -20.61
C LYS B 275 -15.13 6.09 -19.99
N SER B 276 -14.86 5.03 -20.75
CA SER B 276 -15.07 3.66 -20.27
C SER B 276 -14.31 3.49 -18.97
N ALA B 277 -13.13 4.09 -18.92
CA ALA B 277 -12.31 4.03 -17.72
C ALA B 277 -13.22 4.35 -16.54
N ARG B 278 -13.63 5.62 -16.47
CA ARG B 278 -14.50 6.16 -15.42
C ARG B 278 -15.70 5.29 -15.01
N ASN B 279 -16.36 4.68 -15.99
CA ASN B 279 -17.52 3.82 -15.73
C ASN B 279 -17.13 2.50 -15.10
N MET B 280 -16.14 1.83 -15.69
CA MET B 280 -15.65 0.54 -15.18
C MET B 280 -15.29 0.73 -13.72
N ILE B 281 -14.66 1.88 -13.45
CA ILE B 281 -14.26 2.22 -12.09
C ILE B 281 -15.48 2.28 -11.19
N ASP B 282 -16.56 2.88 -11.69
CA ASP B 282 -17.77 2.96 -10.88
C ASP B 282 -18.24 1.52 -10.59
N ASP B 283 -18.04 0.65 -11.58
CA ASP B 283 -18.40 -0.76 -11.45
C ASP B 283 -17.61 -1.38 -10.30
N ILE B 284 -16.29 -1.22 -10.37
CA ILE B 284 -15.40 -1.76 -9.35
C ILE B 284 -15.73 -1.35 -7.92
N ILE B 285 -16.61 -0.38 -7.74
CA ILE B 285 -16.95 0.06 -6.39
C ILE B 285 -18.40 -0.22 -6.04
N ASN B 286 -19.30 -0.10 -7.02
CA ASN B 286 -20.71 -0.38 -6.78
C ASN B 286 -20.86 -1.89 -6.60
N SER B 287 -19.73 -2.60 -6.65
CA SER B 287 -19.74 -4.05 -6.51
C SER B 287 -19.18 -4.53 -5.17
N LYS B 288 -19.42 -3.77 -4.11
CA LYS B 288 -18.96 -4.15 -2.79
C LYS B 288 -20.12 -4.27 -1.80
N PHE B 289 -21.33 -3.94 -2.29
CA PHE B 289 -22.55 -3.99 -1.47
C PHE B 289 -23.71 -4.62 -2.25
PB ADP C . -3.65 -8.67 30.02
O1B ADP C . -3.15 -7.35 29.59
O2B ADP C . -5.18 -8.88 29.62
O3B ADP C . -2.81 -9.75 29.41
PA ADP C . -4.77 -8.84 32.69
O1A ADP C . -5.73 -9.86 32.28
O2A ADP C . -4.23 -9.19 34.00
O3A ADP C . -3.60 -8.77 31.59
O5' ADP C . -5.45 -7.42 32.90
C5' ADP C . -5.23 -6.13 32.29
C4' ADP C . -6.29 -5.21 33.01
O4' ADP C . -5.82 -4.84 34.32
C3' ADP C . -6.64 -3.89 32.32
O3' ADP C . -7.84 -4.02 31.57
C2' ADP C . -6.74 -2.82 33.42
O2' ADP C . -8.08 -2.46 33.78
C1' ADP C . -5.94 -3.41 34.55
N9 ADP C . -4.58 -2.74 34.75
C8 ADP C . -4.14 -2.40 35.99
N7 ADP C . -2.96 -1.82 35.92
C5 ADP C . -2.60 -1.77 34.66
C6 ADP C . -1.49 -1.28 33.97
N6 ADP C . -0.49 -0.71 34.65
N1 ADP C . -1.40 -1.39 32.59
C2 ADP C . -2.41 -1.96 31.84
N3 ADP C . -3.51 -2.45 32.51
C4 ADP C . -3.65 -2.37 33.88
P AMP D . -9.74 15.40 1.38
O1P AMP D . -10.87 14.50 1.14
O2P AMP D . -8.82 15.53 0.21
O3P AMP D . -8.99 15.02 2.66
O5' AMP D . -10.43 16.85 1.69
C5' AMP D . -9.47 17.85 1.94
C4' AMP D . -9.87 19.18 1.28
O4' AMP D . -8.66 19.92 1.58
C3' AMP D . -9.99 19.00 -0.34
O3' AMP D . -10.85 20.18 -0.73
C2' AMP D . -8.49 19.19 -0.73
O2' AMP D . -8.29 19.80 -1.97
C1' AMP D . -7.87 20.13 0.40
N9 AMP D . -6.51 19.63 0.70
C8 AMP D . -6.15 18.38 1.26
N7 AMP D . -4.85 18.15 1.44
C5 AMP D . -4.35 19.35 0.95
C6 AMP D . -3.03 19.81 0.83
N6 AMP D . -2.01 18.99 1.26
N1 AMP D . -2.88 21.10 0.29
C2 AMP D . -3.91 21.86 -0.12
N3 AMP D . -5.20 21.50 -0.03
C4 AMP D . -5.36 20.25 0.49
N1 FMN E . 4.78 -10.13 22.41
C2 FMN E . 5.45 -10.67 21.37
O2 FMN E . 5.20 -11.70 20.75
N3 FMN E . 6.64 -9.94 20.85
C4 FMN E . 7.09 -8.71 21.41
O4 FMN E . 8.10 -8.23 20.87
C4A FMN E . 6.34 -8.22 22.47
N5 FMN E . 6.71 -7.11 22.99
C5A FMN E . 5.99 -6.57 24.07
C6 FMN E . 6.35 -5.33 24.66
C7 FMN E . 5.58 -4.80 25.76
C7M FMN E . 6.18 -3.47 26.20
C8 FMN E . 4.42 -5.54 26.28
C8M FMN E . 3.65 -4.98 27.41
C9 FMN E . 4.06 -6.75 25.71
C9A FMN E . 4.82 -7.32 24.57
N10 FMN E . 4.39 -8.51 24.07
C10 FMN E . 5.12 -8.99 23.02
C1' FMN E . 3.26 -9.30 24.57
C2' FMN E . 2.11 -9.76 23.74
O2' FMN E . 1.47 -8.63 23.20
C3' FMN E . 1.29 -10.52 24.75
O3' FMN E . 1.51 -11.95 24.57
C4' FMN E . -0.25 -10.39 24.76
O4' FMN E . -0.81 -11.18 25.80
C5' FMN E . -1.04 -10.71 23.44
O5' FMN E . -0.27 -11.69 22.68
P FMN E . -0.99 -13.05 22.36
O1P FMN E . 0.07 -13.86 21.54
O2P FMN E . -1.30 -13.74 23.66
O3P FMN E . -2.25 -12.77 21.48
PB ADP F . 3.87 12.42 -23.35
O1B ADP F . 4.17 11.10 -22.74
O2B ADP F . 5.24 13.15 -23.75
O3B ADP F . 2.99 12.26 -24.54
PA ADP F . 3.31 14.95 -21.87
O1A ADP F . 4.28 15.61 -22.76
O2A ADP F . 2.03 15.66 -22.01
O3A ADP F . 3.16 13.39 -22.27
O5' ADP F . 3.78 15.07 -20.35
C5' ADP F . 4.03 14.03 -19.39
C4' ADP F . 4.49 14.80 -18.11
O4' ADP F . 3.35 15.35 -17.44
C3' ADP F . 5.22 13.93 -17.04
O3' ADP F . 6.44 14.52 -16.57
C2' ADP F . 4.20 13.70 -15.93
O2' ADP F . 4.78 13.43 -14.64
C1' ADP F . 3.32 14.95 -16.04
N9 ADP F . 1.87 14.76 -15.65
C8 ADP F . 1.20 15.62 -14.84
N7 ADP F . -0.03 15.21 -14.68
C5 ADP F . -0.20 14.10 -15.36
C6 ADP F . -1.27 13.21 -15.58
N6 ADP F . -2.46 13.43 -15.01
N1 ADP F . -1.09 12.08 -16.38
C2 ADP F . 0.10 11.80 -16.98
N3 ADP F . 1.14 12.67 -16.78
C4 ADP F . 1.04 13.80 -15.99
P AMP G . 11.52 -21.56 -10.22
O1P AMP G . 12.89 -21.36 -10.67
O2P AMP G . 10.85 -22.69 -10.89
O3P AMP G . 10.69 -20.30 -10.33
O5' AMP G . 11.70 -21.91 -8.64
C5' AMP G . 10.46 -22.17 -7.98
C4' AMP G . 10.66 -23.28 -6.92
O4' AMP G . 9.28 -23.44 -6.49
C3' AMP G . 11.21 -24.70 -7.61
O3' AMP G . 12.06 -25.33 -6.54
C2' AMP G . 9.84 -25.46 -7.87
O2' AMP G . 9.88 -26.83 -7.60
C1' AMP G . 8.74 -24.74 -6.89
N9 AMP G . 7.49 -24.51 -7.66
C8 AMP G . 7.29 -23.79 -8.87
N7 AMP G . 6.04 -23.75 -9.38
C5 AMP G . 5.39 -24.51 -8.40
C6 AMP G . 4.02 -24.90 -8.27
N6 AMP G . 3.10 -24.49 -9.23
N1 AMP G . 3.71 -25.68 -7.15
C2 AMP G . 4.63 -26.05 -6.22
N3 AMP G . 5.94 -25.74 -6.27
C4 AMP G . 6.24 -24.98 -7.36
N1 FMN H . -1.57 5.97 -30.02
C2 FMN H . -1.80 5.21 -31.12
O2 FMN H . -1.18 5.21 -32.18
N3 FMN H . -2.92 4.26 -31.09
C4 FMN H . -3.77 4.10 -29.93
O4 FMN H . -4.68 3.26 -30.06
C4A FMN H . -3.46 4.90 -28.84
N5 FMN H . -4.20 4.78 -27.78
C5A FMN H . -3.94 5.57 -26.62
C6 FMN H . -4.71 5.48 -25.44
C7 FMN H . -4.40 6.31 -24.29
C7M FMN H . -5.39 6.02 -23.17
C8 FMN H . -3.27 7.24 -24.35
C8M FMN H . -2.98 8.07 -23.16
C9 FMN H . -2.50 7.35 -25.51
C9A FMN H . -2.79 6.52 -26.71
N10 FMN H . -1.98 6.68 -27.84
C10 FMN H . -2.29 5.89 -28.90
C1' FMN H . -0.86 7.60 -28.01
C2' FMN H . 0.52 7.04 -28.21
O2' FMN H . 0.85 6.27 -27.07
C3' FMN H . 1.36 8.30 -28.39
O3' FMN H . 1.67 8.48 -29.82
C4' FMN H . 2.76 8.43 -27.69
O4' FMN H . 3.38 9.67 -27.99
C5' FMN H . 3.80 7.27 -27.88
O5' FMN H . 3.75 6.80 -29.25
P FMN H . 4.97 7.18 -30.17
O1P FMN H . 4.64 6.52 -31.55
O2P FMN H . 5.03 8.68 -30.28
O3P FMN H . 6.25 6.57 -29.56
#